data_7JIB
#
_entry.id   7JIB
#
_cell.length_a   170.830
_cell.length_b   170.830
_cell.length_c   52.738
_cell.angle_alpha   90.000
_cell.angle_beta   90.000
_cell.angle_gamma   120.000
#
_symmetry.space_group_name_H-M   'P 31 2 1'
#
loop_
_entity.id
_entity.type
_entity.pdbx_description
1 polymer "2'-O-methyltransferase"
2 polymer 'Non-structural protein 10'
3 non-polymer 'CHLORIDE ION'
4 non-polymer S-ADENOSYLMETHIONINE
5 non-polymer S-ADENOSYL-L-HOMOCYSTEINE
6 non-polymer "P1-7-METHYLGUANOSINE-P3-ADENOSINE-5',5'-TRIPHOSPHATE"
7 non-polymer "7-METHYL-GUANOSINE-5'-TRIPHOSPHATE-5'-(2'-O-METHYL)-ADENOSINE"
8 non-polymer "7-METHYL-GUANOSINE-5'-TRIPHOSPHATE"
9 non-polymer 'ZINC ION'
10 water water
#
loop_
_entity_poly.entity_id
_entity_poly.type
_entity_poly.pdbx_seq_one_letter_code
_entity_poly.pdbx_strand_id
1 'polypeptide(L)'
;SNASSQAWQPGVAMPNLYKMQRMLLEKCDLQNYGDSATLPKGIMMNVAKYTQLCQYLNTLTLAVPYNMRVIHFGAGSDKG
VAPGTAVLRQWLPTGTLLVDSDLNDFVSDADSTLIGDCATVHTANKWDLIISDMYDPKTKNVTKENDSKEGFFTYICGFI
QQKLALGGSVAIKITEHSWNADLYKLMGHFAWWTAFVTNVNASSSEAFLIGCNYLGKPREQIDGYVMHANYIFWRNTNPI
QLSSYSLFDMSKFPLKLRGTAVMSLKEGQINDMILSLLSKGRLIIRENNRVVISSDVLVNN
;
A
2 'polypeptide(L)'
;SNAAGNATEVPANSTVLSFCAFAVDAAKAYKDYLASGGQPITNCVKMLCTHTGTGQAITVTPEANMDQESFGGASCCLYC
RCHIDHPNPKGFCDLKGKYVQIPTTCANDPVGFTLKNTVCTVCGMWKGYGCSCDQLREPMLQ
;
B
#
# COMPACT_ATOMS: atom_id res chain seq x y z
N ALA A 3 -6.58 28.04 -5.08
CA ALA A 3 -6.29 26.76 -4.35
C ALA A 3 -6.26 27.00 -2.83
N SER A 4 -7.11 26.30 -2.07
CA SER A 4 -7.14 26.45 -0.59
C SER A 4 -5.97 25.66 0.02
N SER A 5 -5.59 25.99 1.26
CA SER A 5 -4.44 25.32 1.95
C SER A 5 -4.55 23.79 1.89
N GLN A 6 -5.72 23.26 1.54
CA GLN A 6 -5.91 21.78 1.42
C GLN A 6 -5.05 21.24 0.28
N ALA A 7 -4.86 22.03 -0.78
CA ALA A 7 -4.06 21.61 -1.95
C ALA A 7 -2.63 21.22 -1.52
N TRP A 8 -2.13 21.76 -0.41
CA TRP A 8 -0.74 21.46 0.04
C TRP A 8 -0.72 20.25 0.99
N GLN A 9 -1.88 19.72 1.34
N GLN A 9 -1.90 19.72 1.33
CA GLN A 9 -1.95 18.53 2.22
CA GLN A 9 -2.02 18.53 2.20
C GLN A 9 -1.94 17.30 1.32
C GLN A 9 -1.96 17.29 1.32
N PRO A 10 -1.61 16.10 1.84
CA PRO A 10 -1.61 14.88 1.03
C PRO A 10 -3.04 14.50 0.59
N GLY A 11 -4.04 15.04 1.30
CA GLY A 11 -5.46 14.78 1.02
C GLY A 11 -6.36 15.47 2.03
N VAL A 12 -7.62 15.04 2.11
CA VAL A 12 -8.63 15.66 3.01
C VAL A 12 -9.37 14.56 3.81
N ALA A 13 -9.54 14.79 5.11
CA ALA A 13 -10.24 13.86 6.02
C ALA A 13 -11.67 14.38 6.27
N MET A 14 -12.64 13.47 6.30
CA MET A 14 -14.05 13.83 6.54
C MET A 14 -14.18 14.62 7.83
N PRO A 15 -14.67 15.88 7.79
CA PRO A 15 -14.81 16.70 9.01
C PRO A 15 -15.82 16.10 10.01
N ASN A 16 -15.48 16.20 11.30
CA ASN A 16 -16.29 15.64 12.42
C ASN A 16 -17.77 16.00 12.30
N LEU A 17 -18.08 17.24 11.90
CA LEU A 17 -19.50 17.69 11.86
C LEU A 17 -20.30 16.87 10.83
N TYR A 18 -19.65 16.37 9.78
CA TYR A 18 -20.37 15.56 8.77
C TYR A 18 -20.68 14.17 9.32
N LYS A 19 -19.81 13.67 10.21
CA LYS A 19 -19.98 12.32 10.82
C LYS A 19 -21.22 12.32 11.74
N MET A 20 -21.52 13.45 12.38
CA MET A 20 -22.64 13.57 13.36
C MET A 20 -23.99 13.81 12.65
N GLN A 21 -24.04 13.76 11.33
CA GLN A 21 -25.32 14.01 10.63
C GLN A 21 -26.10 12.71 10.51
N ARG A 22 -27.27 12.76 9.88
CA ARG A 22 -28.13 11.58 9.71
C ARG A 22 -28.80 11.69 8.35
N MET A 23 -27.99 11.78 7.29
CA MET A 23 -28.51 11.96 5.91
C MET A 23 -28.97 10.63 5.31
N LEU A 24 -29.83 10.70 4.30
N LEU A 24 -29.83 10.72 4.30
CA LEU A 24 -30.31 9.50 3.58
CA LEU A 24 -30.32 9.53 3.54
C LEU A 24 -29.36 9.28 2.39
C LEU A 24 -29.33 9.29 2.40
N LEU A 25 -29.18 8.04 1.96
CA LEU A 25 -28.23 7.76 0.84
C LEU A 25 -28.72 8.38 -0.46
N GLU A 26 -27.92 9.30 -1.01
CA GLU A 26 -28.20 9.96 -2.30
C GLU A 26 -27.16 9.49 -3.31
N LYS A 27 -27.39 9.77 -4.58
CA LYS A 27 -26.42 9.41 -5.65
C LYS A 27 -25.21 10.33 -5.51
N CYS A 28 -24.00 9.81 -5.74
CA CYS A 28 -22.79 10.64 -5.64
C CYS A 28 -22.57 11.32 -6.99
N ASP A 29 -22.47 12.65 -6.99
CA ASP A 29 -22.29 13.43 -8.24
C ASP A 29 -21.19 14.46 -8.01
N LEU A 30 -19.94 14.07 -8.27
CA LEU A 30 -18.77 14.96 -8.04
C LEU A 30 -18.68 16.01 -9.15
N GLN A 31 -18.39 17.26 -8.77
CA GLN A 31 -18.30 18.38 -9.73
C GLN A 31 -17.16 18.15 -10.73
N ASN A 32 -16.05 17.52 -10.29
CA ASN A 32 -14.88 17.30 -11.18
C ASN A 32 -14.72 15.83 -11.57
N TYR A 33 -15.79 15.02 -11.47
CA TYR A 33 -15.70 13.56 -11.81
C TYR A 33 -15.06 13.40 -13.19
N GLY A 34 -14.06 12.53 -13.30
CA GLY A 34 -13.38 12.29 -14.60
C GLY A 34 -12.06 13.04 -14.73
N ASP A 35 -11.95 14.23 -14.13
CA ASP A 35 -10.70 15.03 -14.21
C ASP A 35 -9.51 14.21 -13.71
N SER A 36 -8.32 14.44 -14.29
CA SER A 36 -7.07 13.73 -13.91
C SER A 36 -6.08 14.75 -13.35
N ALA A 37 -5.31 14.36 -12.34
CA ALA A 37 -4.31 15.27 -11.74
C ALA A 37 -3.03 15.25 -12.57
N THR A 38 -2.23 16.31 -12.45
CA THR A 38 -0.92 16.37 -13.15
C THR A 38 0.10 15.71 -12.22
N LEU A 39 0.61 14.54 -12.62
CA LEU A 39 1.59 13.78 -11.78
C LEU A 39 3.02 14.11 -12.20
N PRO A 40 3.99 13.94 -11.28
CA PRO A 40 5.40 14.13 -11.61
C PRO A 40 5.73 13.23 -12.81
N LYS A 41 6.64 13.68 -13.68
CA LYS A 41 6.99 12.92 -14.90
C LYS A 41 7.29 11.45 -14.57
N GLY A 42 6.64 10.53 -15.28
CA GLY A 42 6.87 9.07 -15.15
C GLY A 42 6.41 8.44 -13.85
N ILE A 43 5.52 9.09 -13.10
CA ILE A 43 5.05 8.49 -11.81
C ILE A 43 3.65 7.89 -12.03
N MET A 44 3.48 6.63 -11.65
CA MET A 44 2.20 5.91 -11.77
C MET A 44 1.19 6.49 -10.77
N MET A 45 -0.10 6.44 -11.14
CA MET A 45 -1.19 6.94 -10.28
C MET A 45 -1.13 6.27 -8.91
N ASN A 46 -0.99 4.95 -8.85
CA ASN A 46 -0.98 4.22 -7.56
C ASN A 46 0.27 4.55 -6.74
N VAL A 47 1.39 4.89 -7.37
CA VAL A 47 2.56 5.31 -6.54
C VAL A 47 2.17 6.63 -5.85
N ALA A 48 1.59 7.56 -6.61
CA ALA A 48 1.16 8.88 -6.07
C ALA A 48 0.09 8.69 -4.99
N LYS A 49 -0.90 7.82 -5.25
CA LYS A 49 -2.03 7.57 -4.31
C LYS A 49 -1.52 7.00 -2.99
N TYR A 50 -0.71 5.94 -3.03
CA TYR A 50 -0.18 5.33 -1.78
C TYR A 50 0.78 6.31 -1.08
N THR A 51 1.52 7.09 -1.87
CA THR A 51 2.46 8.07 -1.25
C THR A 51 1.65 9.06 -0.41
N GLN A 52 0.52 9.56 -0.91
CA GLN A 52 -0.29 10.52 -0.13
C GLN A 52 -0.95 9.81 1.06
N LEU A 53 -1.38 8.55 0.88
CA LEU A 53 -1.98 7.81 2.01
C LEU A 53 -0.92 7.71 3.14
N CYS A 54 0.29 7.28 2.81
CA CYS A 54 1.34 7.15 3.84
C CYS A 54 1.68 8.52 4.43
N GLN A 55 1.65 9.56 3.61
CA GLN A 55 1.96 10.93 4.12
C GLN A 55 0.91 11.28 5.18
N TYR A 56 -0.33 10.86 4.96
CA TYR A 56 -1.42 11.17 5.92
C TYR A 56 -1.27 10.27 7.15
N LEU A 57 -0.95 8.99 6.95
CA LEU A 57 -0.80 8.07 8.10
C LEU A 57 0.31 8.59 9.03
N ASN A 58 1.30 9.32 8.50
CA ASN A 58 2.41 9.85 9.35
C ASN A 58 1.89 10.81 10.42
N THR A 59 0.76 11.47 10.19
CA THR A 59 0.22 12.45 11.16
C THR A 59 -0.61 11.75 12.25
N LEU A 60 -0.93 10.47 12.07
CA LEU A 60 -1.80 9.75 13.05
C LEU A 60 -0.96 9.10 14.14
N THR A 61 -1.61 8.67 15.23
CA THR A 61 -0.94 8.01 16.37
C THR A 61 -0.76 6.51 16.08
N LEU A 62 -0.18 6.16 14.94
CA LEU A 62 0.04 4.73 14.62
C LEU A 62 1.01 4.12 15.63
N ALA A 63 0.79 2.84 15.93
CA ALA A 63 1.71 2.07 16.79
C ALA A 63 2.77 1.49 15.85
N VAL A 64 4.04 1.74 16.14
CA VAL A 64 5.14 1.28 15.25
C VAL A 64 6.20 0.55 16.08
N PRO A 65 6.04 -0.76 16.31
CA PRO A 65 7.03 -1.55 17.05
C PRO A 65 8.15 -2.12 16.18
N TYR A 66 9.22 -2.65 16.81
CA TYR A 66 10.28 -3.31 16.04
C TYR A 66 9.67 -4.58 15.45
N ASN A 67 10.10 -5.01 14.27
CA ASN A 67 9.54 -6.25 13.67
C ASN A 67 8.02 -6.10 13.56
N MET A 68 7.58 -4.95 13.04
CA MET A 68 6.14 -4.61 12.84
C MET A 68 5.57 -5.57 11.79
N ARG A 69 4.29 -5.92 11.90
CA ARG A 69 3.65 -6.87 10.95
C ARG A 69 2.58 -6.13 10.14
N VAL A 70 2.82 -6.01 8.83
CA VAL A 70 1.87 -5.30 7.92
C VAL A 70 1.38 -6.27 6.85
N ILE A 71 0.06 -6.33 6.63
CA ILE A 71 -0.51 -7.18 5.54
C ILE A 71 -1.26 -6.25 4.56
N HIS A 72 -1.03 -6.44 3.26
CA HIS A 72 -1.63 -5.58 2.20
C HIS A 72 -2.45 -6.42 1.22
N PHE A 73 -3.79 -6.31 1.30
CA PHE A 73 -4.74 -7.02 0.42
C PHE A 73 -4.99 -6.17 -0.84
N GLY A 74 -5.22 -6.81 -1.98
CA GLY A 74 -5.46 -6.09 -3.25
C GLY A 74 -4.21 -5.38 -3.72
N ALA A 75 -3.04 -6.00 -3.51
CA ALA A 75 -1.74 -5.41 -3.89
C ALA A 75 -1.42 -5.58 -5.38
N GLY A 76 -2.16 -6.42 -6.10
CA GLY A 76 -1.86 -6.65 -7.53
C GLY A 76 -2.46 -5.59 -8.45
N SER A 77 -2.13 -5.63 -9.73
CA SER A 77 -2.65 -4.70 -10.76
C SER A 77 -2.73 -5.44 -12.09
N ASP A 78 -3.40 -4.86 -13.08
CA ASP A 78 -3.51 -5.49 -14.43
C ASP A 78 -2.13 -5.41 -15.12
N LYS A 79 -1.20 -4.66 -14.52
CA LYS A 79 0.17 -4.48 -15.08
C LYS A 79 1.09 -5.61 -14.63
N GLY A 80 0.67 -6.41 -13.64
CA GLY A 80 1.47 -7.54 -13.12
C GLY A 80 2.46 -7.12 -12.06
N VAL A 81 2.42 -5.85 -11.63
CA VAL A 81 3.37 -5.35 -10.59
C VAL A 81 2.57 -4.79 -9.40
N ALA A 82 3.25 -4.51 -8.30
CA ALA A 82 2.59 -3.97 -7.07
C ALA A 82 3.18 -2.60 -6.74
N PRO A 83 2.67 -1.52 -7.37
CA PRO A 83 3.17 -0.17 -7.11
C PRO A 83 2.97 0.23 -5.65
N GLY A 84 1.77 -0.05 -5.12
CA GLY A 84 1.45 0.28 -3.72
C GLY A 84 2.38 -0.43 -2.75
N THR A 85 2.67 -1.71 -3.01
CA THR A 85 3.59 -2.46 -2.11
C THR A 85 4.97 -1.79 -2.13
N ALA A 86 5.43 -1.37 -3.32
CA ALA A 86 6.76 -0.70 -3.44
C ALA A 86 6.78 0.53 -2.53
N VAL A 87 5.68 1.28 -2.49
CA VAL A 87 5.60 2.49 -1.63
C VAL A 87 5.62 2.08 -0.16
N LEU A 88 4.81 1.08 0.23
CA LEU A 88 4.80 0.63 1.65
C LEU A 88 6.20 0.17 2.08
N ARG A 89 6.92 -0.49 1.18
CA ARG A 89 8.30 -0.98 1.47
C ARG A 89 9.20 0.23 1.75
N GLN A 90 9.00 1.30 0.98
CA GLN A 90 9.79 2.56 1.10
C GLN A 90 9.43 3.28 2.41
N TRP A 91 8.15 3.30 2.75
CA TRP A 91 7.59 4.02 3.92
C TRP A 91 7.86 3.32 5.25
N LEU A 92 7.71 1.99 5.31
CA LEU A 92 7.88 1.23 6.57
C LEU A 92 9.35 1.11 6.95
N PRO A 93 9.65 1.08 8.26
CA PRO A 93 11.02 0.92 8.74
C PRO A 93 11.62 -0.42 8.31
N THR A 94 12.94 -0.44 8.09
N THR A 94 12.95 -0.44 8.14
CA THR A 94 13.62 -1.71 7.69
CA THR A 94 13.67 -1.68 7.76
C THR A 94 13.43 -2.72 8.83
C THR A 94 13.44 -2.72 8.85
N GLY A 95 13.14 -3.98 8.47
CA GLY A 95 12.91 -5.05 9.47
C GLY A 95 11.42 -5.35 9.60
N THR A 96 10.59 -4.46 9.05
CA THR A 96 9.12 -4.62 9.08
C THR A 96 8.70 -5.78 8.17
N LEU A 97 7.92 -6.73 8.69
N LEU A 97 7.89 -6.70 8.71
CA LEU A 97 7.44 -7.86 7.87
CA LEU A 97 7.40 -7.84 7.90
C LEU A 97 6.26 -7.38 7.03
C LEU A 97 6.24 -7.36 7.03
N LEU A 98 6.38 -7.45 5.71
CA LEU A 98 5.33 -7.00 4.78
C LEU A 98 4.86 -8.19 3.93
N VAL A 99 3.57 -8.52 4.07
CA VAL A 99 2.95 -9.63 3.31
C VAL A 99 1.86 -9.03 2.43
N ASP A 100 1.85 -9.38 1.14
CA ASP A 100 0.78 -8.81 0.29
C ASP A 100 0.04 -9.97 -0.40
N SER A 101 -1.16 -9.67 -0.89
CA SER A 101 -1.99 -10.72 -1.53
C SER A 101 -2.90 -10.09 -2.58
N ASP A 102 -3.32 -10.90 -3.53
CA ASP A 102 -4.27 -10.44 -4.58
C ASP A 102 -4.86 -11.70 -5.23
N LEU A 103 -5.97 -11.51 -5.93
CA LEU A 103 -6.70 -12.59 -6.63
C LEU A 103 -5.87 -13.07 -7.83
N ASN A 104 -5.15 -12.16 -8.49
CA ASN A 104 -4.36 -12.46 -9.71
C ASN A 104 -2.86 -12.46 -9.39
N ASP A 105 -2.08 -13.18 -10.21
N ASP A 105 -2.10 -13.16 -10.25
CA ASP A 105 -0.62 -13.29 -10.03
CA ASP A 105 -0.61 -13.27 -10.14
C ASP A 105 0.02 -11.91 -10.26
C ASP A 105 0.03 -11.89 -10.31
N PHE A 106 1.14 -11.64 -9.60
CA PHE A 106 1.87 -10.35 -9.73
C PHE A 106 3.23 -10.48 -9.02
N VAL A 107 4.22 -9.68 -9.43
CA VAL A 107 5.54 -9.70 -8.76
C VAL A 107 5.53 -8.57 -7.74
N SER A 108 6.03 -8.85 -6.53
CA SER A 108 5.99 -7.85 -5.42
C SER A 108 7.35 -7.72 -4.74
N ASP A 109 7.52 -6.61 -4.01
CA ASP A 109 8.75 -6.33 -3.21
C ASP A 109 8.45 -6.74 -1.76
N ALA A 110 7.32 -7.42 -1.56
CA ALA A 110 6.92 -7.90 -0.22
C ALA A 110 7.74 -9.12 0.18
N ASP A 111 7.84 -9.35 1.48
CA ASP A 111 8.60 -10.51 2.04
C ASP A 111 7.93 -11.80 1.59
N SER A 112 6.61 -11.76 1.40
CA SER A 112 5.85 -12.98 0.99
C SER A 112 4.56 -12.54 0.30
N THR A 113 4.19 -13.24 -0.77
CA THR A 113 2.98 -12.90 -1.57
C THR A 113 2.05 -14.10 -1.67
N LEU A 114 0.77 -13.91 -1.33
CA LEU A 114 -0.25 -14.99 -1.43
C LEU A 114 -1.20 -14.67 -2.59
N ILE A 115 -1.30 -15.59 -3.55
CA ILE A 115 -2.19 -15.41 -4.75
C ILE A 115 -3.46 -16.21 -4.53
N GLY A 116 -4.61 -15.57 -4.70
CA GLY A 116 -5.93 -16.22 -4.53
C GLY A 116 -6.93 -15.30 -3.88
N ASP A 117 -8.19 -15.74 -3.82
CA ASP A 117 -9.28 -14.96 -3.19
C ASP A 117 -8.87 -14.74 -1.72
N CYS A 118 -9.02 -13.53 -1.20
CA CYS A 118 -8.62 -13.27 0.22
C CYS A 118 -9.31 -14.25 1.16
N ALA A 119 -10.46 -14.81 0.76
CA ALA A 119 -11.22 -15.77 1.61
C ALA A 119 -10.38 -17.03 1.90
N THR A 120 -9.43 -17.36 1.01
CA THR A 120 -8.58 -18.57 1.18
C THR A 120 -7.32 -18.27 2.00
N VAL A 121 -7.13 -17.02 2.45
CA VAL A 121 -5.90 -16.66 3.21
C VAL A 121 -6.14 -16.89 4.71
N HIS A 122 -5.27 -17.68 5.34
CA HIS A 122 -5.32 -17.97 6.80
C HIS A 122 -4.02 -17.54 7.46
N THR A 123 -4.07 -17.24 8.76
CA THR A 123 -2.87 -16.79 9.49
C THR A 123 -3.07 -17.05 10.99
N ALA A 124 -2.06 -17.62 11.62
CA ALA A 124 -2.12 -17.94 13.07
C ALA A 124 -1.90 -16.68 13.90
N ASN A 125 -0.99 -15.82 13.46
CA ASN A 125 -0.59 -14.59 14.19
C ASN A 125 -1.48 -13.37 13.86
N LYS A 126 -1.32 -12.31 14.66
CA LYS A 126 -2.06 -11.04 14.49
C LYS A 126 -1.18 -10.01 13.76
N TRP A 127 -1.81 -8.93 13.29
CA TRP A 127 -1.13 -7.88 12.48
C TRP A 127 -1.27 -6.52 13.16
N ASP A 128 -0.32 -5.63 12.88
CA ASP A 128 -0.23 -4.28 13.47
C ASP A 128 -0.86 -3.25 12.53
N LEU A 129 -0.86 -3.55 11.23
CA LEU A 129 -1.43 -2.62 10.22
C LEU A 129 -1.98 -3.44 9.05
N ILE A 130 -3.21 -3.13 8.65
CA ILE A 130 -3.89 -3.80 7.50
C ILE A 130 -4.21 -2.75 6.44
N ILE A 131 -3.73 -2.95 5.22
CA ILE A 131 -4.06 -2.02 4.09
C ILE A 131 -4.88 -2.84 3.08
N SER A 132 -6.05 -2.33 2.69
CA SER A 132 -6.85 -3.05 1.67
C SER A 132 -7.14 -2.12 0.50
N ASP A 133 -6.70 -2.50 -0.70
CA ASP A 133 -7.04 -1.71 -1.90
C ASP A 133 -7.91 -2.62 -2.78
N MET A 134 -8.59 -3.61 -2.17
CA MET A 134 -9.43 -4.53 -2.95
C MET A 134 -10.67 -3.80 -3.48
N TYR A 135 -11.01 -4.10 -4.73
CA TYR A 135 -12.21 -3.54 -5.41
C TYR A 135 -12.64 -4.56 -6.46
N ASP A 136 -13.92 -4.93 -6.45
CA ASP A 136 -14.45 -5.92 -7.43
C ASP A 136 -14.87 -5.15 -8.68
N PRO A 137 -14.33 -5.48 -9.87
CA PRO A 137 -14.71 -4.78 -11.09
C PRO A 137 -16.22 -4.88 -11.41
N LYS A 138 -16.91 -5.88 -10.86
CA LYS A 138 -18.36 -6.09 -11.09
C LYS A 138 -19.18 -4.99 -10.40
N THR A 139 -18.55 -4.21 -9.52
CA THR A 139 -19.25 -3.10 -8.82
C THR A 139 -19.67 -2.05 -9.85
N LYS A 140 -18.96 -2.00 -10.98
CA LYS A 140 -19.25 -1.04 -12.08
C LYS A 140 -20.62 -1.33 -12.70
N ASN A 141 -21.19 -2.53 -12.48
CA ASN A 141 -22.52 -2.87 -13.04
C ASN A 141 -23.61 -2.50 -12.03
N VAL A 142 -24.00 -1.22 -11.99
CA VAL A 142 -25.06 -0.76 -11.05
C VAL A 142 -26.41 -1.02 -11.74
N THR A 143 -27.13 -2.04 -11.28
CA THR A 143 -28.44 -2.43 -11.88
C THR A 143 -29.59 -2.24 -10.86
N LYS A 144 -29.26 -2.03 -9.58
CA LYS A 144 -30.31 -1.83 -8.53
C LYS A 144 -29.85 -0.76 -7.51
N GLU A 145 -30.52 -0.71 -6.36
CA GLU A 145 -30.20 0.26 -5.28
C GLU A 145 -28.77 0.04 -4.83
N ASN A 146 -28.15 1.06 -4.25
CA ASN A 146 -26.76 0.96 -3.74
C ASN A 146 -26.85 0.38 -2.32
N ASP A 147 -26.88 -0.95 -2.20
N ASP A 147 -26.85 -0.94 -2.21
CA ASP A 147 -26.95 -1.62 -0.87
CA ASP A 147 -26.95 -1.61 -0.88
C ASP A 147 -25.54 -1.98 -0.39
C ASP A 147 -25.54 -1.98 -0.39
N SER A 148 -25.42 -2.35 0.89
CA SER A 148 -24.14 -2.76 1.50
C SER A 148 -23.62 -3.98 0.72
N LYS A 149 -22.35 -3.94 0.31
CA LYS A 149 -21.78 -5.08 -0.48
C LYS A 149 -21.12 -6.07 0.48
N GLU A 150 -21.05 -7.33 0.06
CA GLU A 150 -20.39 -8.37 0.89
C GLU A 150 -19.09 -8.76 0.20
N GLY A 151 -18.98 -10.00 -0.28
CA GLY A 151 -17.74 -10.43 -0.94
C GLY A 151 -16.55 -10.31 -0.01
N PHE A 152 -15.48 -9.65 -0.47
CA PHE A 152 -14.24 -9.51 0.35
C PHE A 152 -14.51 -8.69 1.61
N PHE A 153 -15.53 -7.82 1.62
CA PHE A 153 -15.80 -7.01 2.84
C PHE A 153 -16.15 -7.92 4.02
N THR A 154 -16.88 -9.01 3.75
CA THR A 154 -17.25 -9.99 4.81
C THR A 154 -15.94 -10.51 5.44
N TYR A 155 -15.00 -10.92 4.58
CA TYR A 155 -13.70 -11.44 5.05
C TYR A 155 -12.96 -10.38 5.87
N ILE A 156 -12.83 -9.17 5.32
CA ILE A 156 -12.10 -8.05 5.98
C ILE A 156 -12.67 -7.79 7.38
N CYS A 157 -14.00 -7.80 7.54
CA CYS A 157 -14.58 -7.53 8.88
C CYS A 157 -14.16 -8.61 9.87
N GLY A 158 -14.17 -9.87 9.42
CA GLY A 158 -13.78 -10.98 10.29
C GLY A 158 -12.29 -10.95 10.57
N PHE A 159 -11.50 -10.55 9.56
CA PHE A 159 -10.03 -10.51 9.71
C PHE A 159 -9.66 -9.46 10.77
N ILE A 160 -10.27 -8.29 10.69
CA ILE A 160 -10.01 -7.17 11.64
C ILE A 160 -10.36 -7.63 13.07
N GLN A 161 -11.53 -8.21 13.25
CA GLN A 161 -11.97 -8.63 14.61
C GLN A 161 -11.12 -9.76 15.18
N GLN A 162 -10.51 -10.58 14.32
CA GLN A 162 -9.75 -11.76 14.82
C GLN A 162 -8.23 -11.66 14.64
N LYS A 163 -7.74 -10.93 13.64
CA LYS A 163 -6.27 -10.94 13.40
C LYS A 163 -5.65 -9.55 13.59
N LEU A 164 -6.43 -8.54 13.96
CA LEU A 164 -5.80 -7.20 14.17
C LEU A 164 -5.37 -7.09 15.64
N ALA A 165 -4.11 -6.73 15.88
CA ALA A 165 -3.61 -6.55 17.26
C ALA A 165 -4.28 -5.35 17.88
N LEU A 166 -4.48 -5.36 19.20
CA LEU A 166 -5.06 -4.16 19.86
C LEU A 166 -4.02 -3.04 19.72
N GLY A 167 -4.48 -1.84 19.36
CA GLY A 167 -3.56 -0.71 19.12
C GLY A 167 -3.20 -0.65 17.64
N GLY A 168 -3.54 -1.71 16.90
CA GLY A 168 -3.29 -1.79 15.45
C GLY A 168 -4.19 -0.84 14.68
N SER A 169 -3.84 -0.54 13.42
CA SER A 169 -4.65 0.39 12.61
C SER A 169 -4.98 -0.23 11.25
N VAL A 170 -5.96 0.34 10.55
CA VAL A 170 -6.39 -0.18 9.21
C VAL A 170 -6.65 0.98 8.25
N ALA A 171 -6.54 0.69 6.96
CA ALA A 171 -6.82 1.63 5.85
C ALA A 171 -7.50 0.78 4.79
N ILE A 172 -8.84 0.88 4.68
CA ILE A 172 -9.63 0.05 3.73
C ILE A 172 -10.20 0.94 2.62
N LYS A 173 -9.96 0.58 1.37
CA LYS A 173 -10.44 1.42 0.23
C LYS A 173 -11.93 1.16 -0.02
N ILE A 174 -12.69 2.24 -0.19
CA ILE A 174 -14.14 2.15 -0.51
C ILE A 174 -14.41 3.15 -1.64
N THR A 175 -15.61 3.08 -2.19
CA THR A 175 -16.10 4.00 -3.25
C THR A 175 -17.58 4.24 -2.99
N GLU A 176 -18.26 4.93 -3.90
CA GLU A 176 -19.71 5.17 -3.71
C GLU A 176 -20.43 3.82 -3.57
N HIS A 177 -20.13 2.87 -4.48
CA HIS A 177 -20.82 1.55 -4.55
C HIS A 177 -20.02 0.42 -3.90
N SER A 178 -18.69 0.54 -3.78
CA SER A 178 -17.88 -0.52 -3.12
C SER A 178 -17.74 -0.17 -1.64
N TRP A 179 -18.70 -0.62 -0.82
CA TRP A 179 -18.70 -0.29 0.63
C TRP A 179 -19.45 -1.37 1.41
N ASN A 180 -19.32 -1.34 2.74
CA ASN A 180 -20.01 -2.32 3.62
C ASN A 180 -20.40 -1.62 4.93
N ALA A 181 -21.63 -1.88 5.40
CA ALA A 181 -22.17 -1.24 6.63
C ALA A 181 -21.47 -1.77 7.88
N ASP A 182 -21.16 -3.07 7.92
CA ASP A 182 -20.48 -3.63 9.12
C ASP A 182 -19.08 -3.03 9.25
N LEU A 183 -18.46 -2.66 8.13
CA LEU A 183 -17.10 -2.08 8.17
C LEU A 183 -17.17 -0.69 8.83
N TYR A 184 -18.16 0.12 8.48
CA TYR A 184 -18.29 1.45 9.14
C TYR A 184 -18.54 1.26 10.64
N LYS A 185 -19.34 0.25 10.99
CA LYS A 185 -19.64 -0.02 12.42
C LYS A 185 -18.35 -0.35 13.16
N LEU A 186 -17.42 -1.08 12.53
CA LEU A 186 -16.13 -1.44 13.16
C LEU A 186 -15.27 -0.21 13.43
N MET A 187 -15.40 0.84 12.61
CA MET A 187 -14.59 2.06 12.85
C MET A 187 -14.84 2.54 14.29
N GLY A 188 -16.03 2.24 14.83
CA GLY A 188 -16.40 2.62 16.22
C GLY A 188 -15.66 1.80 17.27
N HIS A 189 -14.87 0.80 16.84
CA HIS A 189 -14.09 -0.08 17.75
C HIS A 189 -12.65 0.42 17.81
N PHE A 190 -12.39 1.61 17.26
CA PHE A 190 -11.03 2.23 17.23
C PHE A 190 -11.07 3.51 18.08
N ALA A 191 -9.89 3.95 18.53
CA ALA A 191 -9.80 5.19 19.35
C ALA A 191 -10.25 6.38 18.51
N TRP A 192 -10.05 6.29 17.20
CA TRP A 192 -10.42 7.37 16.24
C TRP A 192 -10.51 6.78 14.84
N TRP A 193 -11.31 7.39 13.97
CA TRP A 193 -11.48 6.92 12.58
C TRP A 193 -11.78 8.10 11.67
N THR A 194 -11.72 7.88 10.36
CA THR A 194 -12.07 8.94 9.38
C THR A 194 -12.13 8.33 7.97
N ALA A 195 -12.65 9.10 7.03
CA ALA A 195 -12.68 8.74 5.60
C ALA A 195 -11.66 9.68 4.95
N PHE A 196 -10.62 9.12 4.33
CA PHE A 196 -9.54 9.98 3.77
C PHE A 196 -9.54 9.93 2.25
N VAL A 197 -9.50 11.12 1.64
CA VAL A 197 -9.49 11.27 0.16
C VAL A 197 -8.12 11.80 -0.24
N THR A 198 -7.42 11.11 -1.14
CA THR A 198 -6.09 11.59 -1.59
C THR A 198 -6.32 12.76 -2.52
N ASN A 199 -5.46 13.77 -2.51
CA ASN A 199 -5.63 14.94 -3.40
C ASN A 199 -5.41 14.53 -4.87
N VAL A 200 -4.65 13.45 -5.14
CA VAL A 200 -4.41 13.08 -6.57
C VAL A 200 -5.64 12.36 -7.15
N ASN A 201 -6.50 11.80 -6.31
CA ASN A 201 -7.68 11.06 -6.82
C ASN A 201 -8.96 11.71 -6.28
N ALA A 202 -8.90 13.01 -6.00
CA ALA A 202 -10.03 13.77 -5.40
C ALA A 202 -11.25 13.79 -6.33
N SER A 203 -11.08 13.39 -7.60
CA SER A 203 -12.21 13.41 -8.57
C SER A 203 -12.91 12.05 -8.60
N SER A 204 -12.58 11.20 -7.63
CA SER A 204 -13.18 9.84 -7.49
C SER A 204 -13.96 9.75 -6.16
N SER A 205 -15.00 8.93 -6.11
CA SER A 205 -15.77 8.71 -4.86
C SER A 205 -14.91 7.86 -3.92
N GLU A 206 -13.76 7.41 -4.42
CA GLU A 206 -12.81 6.59 -3.63
C GLU A 206 -12.45 7.31 -2.34
N ALA A 207 -12.22 6.52 -1.29
CA ALA A 207 -11.76 7.03 0.02
C ALA A 207 -11.18 5.85 0.79
N PHE A 208 -10.32 6.13 1.75
CA PHE A 208 -9.76 5.05 2.60
C PHE A 208 -10.36 5.17 4.00
N LEU A 209 -11.16 4.18 4.42
CA LEU A 209 -11.66 4.22 5.82
C LEU A 209 -10.46 3.91 6.71
N ILE A 210 -10.13 4.83 7.60
CA ILE A 210 -8.94 4.62 8.48
C ILE A 210 -9.40 4.44 9.92
N GLY A 211 -9.10 3.26 10.47
CA GLY A 211 -9.38 2.93 11.87
C GLY A 211 -8.09 3.09 12.62
N CYS A 212 -8.03 4.05 13.54
CA CYS A 212 -6.74 4.30 14.24
C CYS A 212 -6.79 3.76 15.67
N ASN A 213 -5.89 2.82 16.00
CA ASN A 213 -5.74 2.23 17.35
C ASN A 213 -6.96 1.37 17.71
N TYR A 214 -6.90 0.08 17.38
CA TYR A 214 -8.00 -0.88 17.65
C TYR A 214 -8.14 -1.12 19.17
N LEU A 215 -9.35 -0.95 19.69
CA LEU A 215 -9.64 -1.10 21.15
C LEU A 215 -10.32 -2.46 21.41
N GLY A 216 -10.71 -3.18 20.36
CA GLY A 216 -11.33 -4.51 20.51
C GLY A 216 -12.78 -4.46 20.97
N LYS A 217 -13.30 -3.27 21.30
CA LYS A 217 -14.72 -3.17 21.74
C LYS A 217 -15.30 -1.85 21.22
N PRO A 218 -16.64 -1.75 21.09
CA PRO A 218 -17.25 -0.53 20.57
C PRO A 218 -17.15 0.68 21.51
N ARG A 219 -16.40 1.69 21.06
CA ARG A 219 -16.23 2.97 21.80
C ARG A 219 -17.40 3.89 21.40
N GLU A 220 -17.86 3.73 20.17
CA GLU A 220 -18.95 4.56 19.59
C GLU A 220 -19.93 3.64 18.84
N GLN A 221 -21.21 3.99 18.88
CA GLN A 221 -22.29 3.22 18.19
C GLN A 221 -22.46 3.81 16.79
N ILE A 222 -22.06 3.10 15.74
CA ILE A 222 -22.16 3.65 14.35
C ILE A 222 -23.10 2.83 13.47
N ASP A 223 -24.03 3.52 12.80
CA ASP A 223 -24.96 2.88 11.84
C ASP A 223 -24.28 3.00 10.48
N GLY A 224 -23.87 1.87 9.90
CA GLY A 224 -23.14 1.84 8.62
C GLY A 224 -23.88 2.50 7.47
N TYR A 225 -25.19 2.24 7.31
N TYR A 225 -25.19 2.25 7.38
CA TYR A 225 -25.95 2.86 6.19
CA TYR A 225 -26.07 2.77 6.31
C TYR A 225 -25.96 4.38 6.36
C TYR A 225 -26.15 4.31 6.38
N VAL A 226 -26.16 4.86 7.60
CA VAL A 226 -26.21 6.33 7.84
C VAL A 226 -24.83 6.96 7.58
N MET A 227 -23.77 6.35 8.12
CA MET A 227 -22.42 6.94 7.97
C MET A 227 -22.00 6.97 6.49
N HIS A 228 -22.42 5.99 5.68
CA HIS A 228 -22.02 6.03 4.24
C HIS A 228 -22.78 7.16 3.54
N ALA A 229 -24.03 7.38 3.95
CA ALA A 229 -24.83 8.48 3.36
C ALA A 229 -24.15 9.80 3.72
N ASN A 230 -23.68 9.91 4.98
CA ASN A 230 -22.97 11.14 5.44
C ASN A 230 -21.72 11.34 4.57
N TYR A 231 -20.99 10.26 4.27
CA TYR A 231 -19.77 10.34 3.43
C TYR A 231 -20.13 10.86 2.04
N ILE A 232 -21.20 10.33 1.41
CA ILE A 232 -21.62 10.80 0.06
C ILE A 232 -22.04 12.26 0.15
N PHE A 233 -22.77 12.63 1.21
CA PHE A 233 -23.24 14.04 1.36
C PHE A 233 -22.01 14.97 1.45
N TRP A 234 -20.99 14.53 2.19
CA TRP A 234 -19.75 15.33 2.32
C TRP A 234 -19.08 15.48 0.95
N ARG A 235 -18.92 14.38 0.21
CA ARG A 235 -18.27 14.41 -1.12
C ARG A 235 -19.08 15.27 -2.10
N ASN A 236 -20.42 15.14 -2.09
CA ASN A 236 -21.30 15.91 -3.01
C ASN A 236 -21.27 17.41 -2.69
N THR A 237 -21.11 17.77 -1.42
CA THR A 237 -21.17 19.21 -1.02
C THR A 237 -19.78 19.83 -0.88
N ASN A 238 -18.70 19.04 -0.86
CA ASN A 238 -17.33 19.63 -0.74
C ASN A 238 -16.46 19.21 -1.92
N PRO A 239 -16.43 19.98 -3.03
CA PRO A 239 -15.57 19.64 -4.16
C PRO A 239 -14.11 19.76 -3.70
N ILE A 240 -13.29 18.75 -3.94
CA ILE A 240 -11.86 18.81 -3.55
C ILE A 240 -11.06 19.08 -4.82
N GLN A 241 -10.19 20.08 -4.77
CA GLN A 241 -9.38 20.44 -5.96
C GLN A 241 -8.24 19.42 -6.10
N LEU A 242 -8.10 18.82 -7.29
CA LEU A 242 -7.01 17.85 -7.55
C LEU A 242 -5.66 18.52 -7.27
N SER A 243 -4.80 17.84 -6.52
CA SER A 243 -3.48 18.41 -6.19
C SER A 243 -2.46 17.29 -6.02
N SER A 244 -1.25 17.51 -6.51
CA SER A 244 -0.16 16.52 -6.37
C SER A 244 1.02 17.23 -5.74
N TYR A 245 0.75 18.40 -5.14
CA TYR A 245 1.83 19.22 -4.54
C TYR A 245 2.54 18.47 -3.42
N SER A 246 1.83 17.68 -2.61
CA SER A 246 2.50 16.98 -1.47
C SER A 246 3.57 16.00 -1.96
N LEU A 247 3.51 15.58 -3.22
CA LEU A 247 4.45 14.56 -3.78
C LEU A 247 5.85 15.15 -3.98
N PHE A 248 5.97 16.47 -4.17
CA PHE A 248 7.28 17.11 -4.45
C PHE A 248 8.13 17.31 -3.19
N ASP A 249 7.70 16.80 -2.03
CA ASP A 249 8.52 16.95 -0.80
C ASP A 249 8.51 15.60 -0.09
N MET A 250 9.59 14.82 -0.25
CA MET A 250 9.69 13.46 0.33
C MET A 250 10.69 13.42 1.49
N SER A 251 11.17 14.57 1.94
CA SER A 251 12.17 14.66 3.03
C SER A 251 11.70 13.99 4.34
N LYS A 252 10.43 14.16 4.72
CA LYS A 252 9.87 13.58 5.97
C LYS A 252 9.01 12.35 5.66
N PHE A 253 9.23 11.68 4.53
CA PHE A 253 8.31 10.58 4.14
C PHE A 253 8.39 9.35 5.04
N PRO A 254 9.59 8.75 5.27
CA PRO A 254 9.68 7.52 6.06
C PRO A 254 8.96 7.54 7.42
N LEU A 255 8.28 6.44 7.74
CA LEU A 255 7.55 6.32 9.03
C LEU A 255 8.58 6.17 10.15
N LYS A 256 8.47 7.00 11.19
CA LYS A 256 9.42 6.95 12.33
C LYS A 256 9.17 5.69 13.17
N LEU A 257 10.25 4.99 13.52
CA LEU A 257 10.17 3.77 14.36
C LEU A 257 9.98 4.19 15.81
N ARG A 258 8.74 4.21 16.30
CA ARG A 258 8.42 4.59 17.70
C ARG A 258 8.87 3.52 18.71
N GLY A 259 9.27 2.34 18.24
CA GLY A 259 9.68 1.25 19.16
C GLY A 259 8.59 0.98 20.18
N THR A 260 7.33 1.07 19.73
CA THR A 260 6.14 0.84 20.59
C THR A 260 6.27 -0.51 21.31
N ALA A 261 5.85 -0.54 22.58
CA ALA A 261 5.94 -1.78 23.37
C ALA A 261 4.94 -2.82 22.85
N VAL A 262 5.32 -4.10 22.90
CA VAL A 262 4.43 -5.21 22.48
C VAL A 262 4.23 -6.13 23.69
N MET A 263 3.01 -6.25 24.18
CA MET A 263 2.77 -7.13 25.37
C MET A 263 1.70 -8.16 25.06
N SER A 264 1.89 -9.37 25.58
CA SER A 264 0.95 -10.50 25.39
C SER A 264 0.05 -10.62 26.63
N LEU A 265 -0.93 -9.73 26.76
CA LEU A 265 -1.88 -9.70 27.92
C LEU A 265 -3.13 -10.51 27.58
N LYS A 266 -3.90 -10.87 28.61
CA LYS A 266 -5.18 -11.63 28.42
C LYS A 266 -6.34 -10.65 28.62
N GLU A 267 -7.55 -11.06 28.22
CA GLU A 267 -8.77 -10.19 28.31
C GLU A 267 -9.03 -9.72 29.75
N GLY A 268 -8.47 -10.42 30.74
CA GLY A 268 -8.67 -10.04 32.16
C GLY A 268 -7.73 -8.93 32.62
N GLN A 269 -6.61 -8.74 31.91
CA GLN A 269 -5.59 -7.72 32.30
C GLN A 269 -5.77 -6.45 31.44
N ILE A 270 -6.98 -6.19 30.92
CA ILE A 270 -7.24 -4.98 30.07
C ILE A 270 -8.16 -4.01 30.82
N ASN A 271 -7.56 -3.04 31.52
CA ASN A 271 -8.30 -2.01 32.30
C ASN A 271 -8.32 -0.69 31.48
N ASP A 272 -8.71 0.42 32.14
CA ASP A 272 -8.78 1.75 31.47
C ASP A 272 -7.35 2.29 31.23
N MET A 273 -6.44 2.04 32.18
CA MET A 273 -5.01 2.46 32.06
C MET A 273 -4.43 1.96 30.74
N ILE A 274 -4.71 0.70 30.40
CA ILE A 274 -4.20 0.04 29.16
C ILE A 274 -4.92 0.64 27.94
N LEU A 275 -6.23 0.84 28.02
CA LEU A 275 -7.01 1.43 26.88
C LEU A 275 -6.44 2.80 26.49
N SER A 276 -6.07 3.62 27.48
CA SER A 276 -5.53 4.97 27.16
C SER A 276 -4.19 4.85 26.44
N LEU A 277 -3.38 3.83 26.76
CA LEU A 277 -2.07 3.65 26.08
C LEU A 277 -2.31 3.18 24.65
N LEU A 278 -3.30 2.30 24.47
CA LEU A 278 -3.65 1.80 23.10
C LEU A 278 -4.09 2.99 22.24
N SER A 279 -4.88 3.89 22.83
CA SER A 279 -5.47 5.10 22.18
C SER A 279 -4.39 6.12 21.76
N LYS A 280 -3.14 5.91 22.13
CA LYS A 280 -2.09 6.91 21.76
C LYS A 280 -0.98 6.20 20.98
N GLY A 281 -1.22 4.96 20.56
CA GLY A 281 -0.21 4.19 19.82
C GLY A 281 1.06 4.04 20.64
N ARG A 282 0.92 3.80 21.94
CA ARG A 282 2.04 3.65 22.89
C ARG A 282 2.16 2.16 23.24
N LEU A 283 1.16 1.38 22.83
CA LEU A 283 1.10 -0.08 23.14
C LEU A 283 0.42 -0.88 22.03
N ILE A 284 0.92 -2.11 21.82
CA ILE A 284 0.41 -3.14 20.87
C ILE A 284 0.16 -4.40 21.72
N ILE A 285 -1.01 -5.02 21.57
CA ILE A 285 -1.30 -6.25 22.38
C ILE A 285 -1.51 -7.44 21.44
N ARG A 286 -0.55 -8.36 21.46
CA ARG A 286 -0.60 -9.60 20.64
C ARG A 286 0.56 -10.50 21.00
N GLU A 287 0.49 -11.75 20.52
CA GLU A 287 1.59 -12.73 20.70
C GLU A 287 2.78 -12.23 19.89
N ASN A 288 3.98 -12.75 20.12
CA ASN A 288 5.16 -12.29 19.35
C ASN A 288 5.86 -13.55 18.82
N ASN A 289 5.06 -14.54 18.44
CA ASN A 289 5.51 -15.86 17.91
C ASN A 289 5.94 -15.72 16.45
N ARG A 290 6.34 -16.83 15.82
CA ARG A 290 6.76 -16.76 14.39
C ARG A 290 5.51 -16.54 13.54
N VAL A 291 5.68 -15.85 12.41
CA VAL A 291 4.56 -15.52 11.49
C VAL A 291 4.35 -16.66 10.49
N VAL A 292 3.15 -17.24 10.49
CA VAL A 292 2.78 -18.35 9.55
C VAL A 292 1.50 -17.96 8.81
N ILE A 293 1.57 -18.00 7.48
CA ILE A 293 0.39 -17.69 6.62
C ILE A 293 0.17 -18.90 5.70
N SER A 294 -1.06 -19.08 5.21
CA SER A 294 -1.33 -20.22 4.30
C SER A 294 -2.49 -19.85 3.37
N SER A 295 -2.49 -20.43 2.18
CA SER A 295 -3.56 -20.19 1.19
C SER A 295 -4.27 -21.51 0.91
N ASP A 296 -5.60 -21.56 1.10
CA ASP A 296 -6.35 -22.81 0.83
C ASP A 296 -6.36 -23.11 -0.67
N VAL A 297 -6.16 -24.39 -1.01
CA VAL A 297 -6.18 -24.88 -2.42
C VAL A 297 -7.35 -25.85 -2.56
N LEU A 298 -8.36 -25.46 -3.33
CA LEU A 298 -9.54 -26.34 -3.59
C LEU A 298 -9.07 -27.34 -4.64
N VAL A 299 -9.43 -28.62 -4.50
CA VAL A 299 -8.96 -29.64 -5.47
C VAL A 299 -10.16 -30.19 -6.25
N ASN A 300 -10.05 -30.20 -7.59
CA ASN A 300 -11.11 -30.71 -8.50
C ASN A 300 -10.54 -31.88 -9.33
N ASN A 301 -11.36 -32.89 -9.62
CA ASN A 301 -10.89 -34.08 -10.39
C ASN A 301 -10.33 -33.63 -11.75
N ALA B 21 21.63 -30.45 -19.03
CA ALA B 21 20.17 -30.09 -19.14
C ALA B 21 20.02 -28.80 -19.97
N PHE B 22 18.95 -28.72 -20.76
CA PHE B 22 18.62 -27.54 -21.60
C PHE B 22 18.27 -26.35 -20.71
N ALA B 23 19.10 -25.31 -20.74
CA ALA B 23 18.88 -24.08 -19.94
C ALA B 23 18.33 -22.97 -20.85
N VAL B 24 17.14 -22.45 -20.53
CA VAL B 24 16.50 -21.36 -21.33
C VAL B 24 17.21 -20.04 -21.00
N ASP B 25 18.17 -19.63 -21.84
CA ASP B 25 18.93 -18.37 -21.63
C ASP B 25 18.02 -17.19 -22.00
N ALA B 26 17.48 -16.50 -20.98
CA ALA B 26 16.58 -15.34 -21.18
C ALA B 26 17.38 -14.03 -21.09
N ALA B 27 18.55 -14.06 -20.44
CA ALA B 27 19.41 -12.85 -20.30
C ALA B 27 19.87 -12.38 -21.69
N LYS B 28 20.33 -13.30 -22.53
CA LYS B 28 20.79 -12.94 -23.90
C LYS B 28 19.58 -12.76 -24.83
N ALA B 29 18.57 -13.62 -24.69
CA ALA B 29 17.35 -13.55 -25.54
C ALA B 29 16.80 -12.12 -25.57
N TYR B 30 16.88 -11.42 -24.43
CA TYR B 30 16.37 -10.02 -24.32
C TYR B 30 17.32 -9.09 -25.08
N LYS B 31 18.63 -9.27 -24.91
CA LYS B 31 19.62 -8.42 -25.64
C LYS B 31 19.37 -8.57 -27.14
N ASP B 32 18.98 -9.78 -27.58
CA ASP B 32 18.69 -10.07 -29.02
C ASP B 32 17.36 -9.41 -29.40
N TYR B 33 16.34 -9.52 -28.54
CA TYR B 33 15.00 -8.92 -28.77
C TYR B 33 15.11 -7.40 -28.89
N LEU B 34 15.96 -6.76 -28.07
CA LEU B 34 16.17 -5.28 -28.11
C LEU B 34 16.93 -4.91 -29.39
N ALA B 35 18.15 -5.44 -29.52
CA ALA B 35 19.06 -5.18 -30.68
C ALA B 35 18.30 -5.30 -32.02
N SER B 36 17.23 -6.11 -32.07
CA SER B 36 16.45 -6.29 -33.33
C SER B 36 15.19 -5.39 -33.31
N GLY B 37 15.29 -4.21 -32.68
CA GLY B 37 14.18 -3.24 -32.59
C GLY B 37 12.96 -3.81 -31.89
N GLY B 38 13.01 -3.92 -30.56
CA GLY B 38 11.89 -4.45 -29.76
C GLY B 38 11.50 -3.52 -28.63
N GLN B 39 10.23 -3.57 -28.20
CA GLN B 39 9.70 -2.72 -27.10
C GLN B 39 10.29 -3.15 -25.77
N PRO B 40 10.98 -2.27 -25.02
CA PRO B 40 11.55 -2.63 -23.72
C PRO B 40 10.46 -2.93 -22.69
N ILE B 41 10.76 -3.77 -21.70
CA ILE B 41 9.77 -4.11 -20.64
C ILE B 41 9.39 -2.81 -19.90
N THR B 42 8.10 -2.50 -19.88
CA THR B 42 7.58 -1.27 -19.21
C THR B 42 6.91 -1.63 -17.88
N ASN B 43 6.24 -0.65 -17.27
CA ASN B 43 5.53 -0.81 -15.98
C ASN B 43 6.55 -1.04 -14.86
N CYS B 44 7.79 -0.60 -15.08
CA CYS B 44 8.79 -0.65 -13.98
C CYS B 44 8.34 0.44 -13.00
N VAL B 45 8.18 0.09 -11.73
CA VAL B 45 7.66 1.05 -10.72
C VAL B 45 8.71 2.10 -10.32
N LYS B 46 8.59 3.32 -10.85
CA LYS B 46 9.50 4.44 -10.49
C LYS B 46 9.01 5.04 -9.15
N MET B 47 9.93 5.30 -8.23
CA MET B 47 9.55 5.82 -6.89
C MET B 47 9.77 7.33 -6.76
N LEU B 48 9.01 7.96 -5.85
CA LEU B 48 9.19 9.39 -5.52
C LEU B 48 10.28 9.47 -4.44
N CYS B 49 11.29 10.30 -4.67
CA CYS B 49 12.39 10.45 -3.67
C CYS B 49 12.97 11.86 -3.77
N THR B 50 13.78 12.25 -2.79
CA THR B 50 14.40 13.60 -2.74
C THR B 50 15.48 13.76 -3.82
N HIS B 51 16.06 12.65 -4.30
CA HIS B 51 17.18 12.67 -5.28
C HIS B 51 18.40 13.31 -4.62
N THR B 52 18.66 12.92 -3.36
CA THR B 52 19.82 13.41 -2.56
C THR B 52 20.42 12.18 -1.86
N GLY B 53 20.32 11.02 -2.51
CA GLY B 53 20.81 9.73 -1.97
C GLY B 53 22.28 9.47 -2.28
N THR B 54 22.78 8.32 -1.80
CA THR B 54 24.19 7.87 -1.97
C THR B 54 24.50 7.64 -3.46
N GLY B 55 23.52 7.22 -4.25
CA GLY B 55 23.73 6.94 -5.68
C GLY B 55 24.18 5.51 -5.91
N GLN B 56 24.13 4.66 -4.88
CA GLN B 56 24.53 3.23 -4.99
C GLN B 56 23.51 2.50 -5.88
N ALA B 57 23.95 1.41 -6.51
CA ALA B 57 23.14 0.60 -7.45
C ALA B 57 21.91 -0.03 -6.78
N ILE B 58 22.11 -0.99 -5.87
CA ILE B 58 20.97 -1.66 -5.16
C ILE B 58 20.98 -1.22 -3.69
N THR B 59 19.83 -0.76 -3.17
CA THR B 59 19.74 -0.27 -1.78
C THR B 59 18.45 -0.76 -1.12
N VAL B 60 18.36 -0.69 0.22
CA VAL B 60 17.14 -1.13 0.97
C VAL B 60 16.06 -0.06 0.87
N THR B 61 16.46 1.17 0.51
CA THR B 61 15.53 2.33 0.39
C THR B 61 15.96 3.13 -0.84
N PRO B 62 15.06 3.91 -1.50
CA PRO B 62 15.46 4.69 -2.67
C PRO B 62 16.65 5.60 -2.32
N GLU B 63 17.72 5.53 -3.13
CA GLU B 63 18.94 6.34 -2.89
C GLU B 63 19.36 7.05 -4.17
N ALA B 64 18.39 7.35 -5.04
CA ALA B 64 18.71 8.05 -6.30
C ALA B 64 19.35 9.40 -5.99
N ASN B 65 20.26 9.84 -6.87
CA ASN B 65 20.90 11.17 -6.73
C ASN B 65 20.28 12.05 -7.83
N MET B 66 20.75 13.29 -7.95
CA MET B 66 20.21 14.25 -8.95
C MET B 66 20.30 13.69 -10.38
N ASP B 67 21.19 12.71 -10.62
CA ASP B 67 21.39 12.12 -11.98
C ASP B 67 20.67 10.78 -12.13
N GLN B 68 19.96 10.31 -11.11
CA GLN B 68 19.32 8.97 -11.18
C GLN B 68 17.81 9.01 -10.89
N GLU B 69 17.17 7.86 -11.06
CA GLU B 69 15.74 7.57 -10.79
C GLU B 69 15.71 6.25 -10.02
N SER B 70 14.93 6.16 -8.93
CA SER B 70 14.86 4.88 -8.17
C SER B 70 13.65 4.07 -8.63
N PHE B 71 13.81 2.74 -8.69
CA PHE B 71 12.72 1.82 -9.08
C PHE B 71 12.61 0.66 -8.11
N GLY B 72 11.41 0.12 -7.92
CA GLY B 72 11.24 -1.07 -7.07
C GLY B 72 11.93 -2.25 -7.74
N GLY B 73 12.76 -2.98 -6.99
CA GLY B 73 13.53 -4.12 -7.53
C GLY B 73 12.70 -5.12 -8.33
N ALA B 74 11.73 -5.77 -7.69
CA ALA B 74 10.90 -6.81 -8.36
C ALA B 74 10.47 -6.36 -9.76
N SER B 75 10.03 -5.11 -9.91
CA SER B 75 9.55 -4.61 -11.22
C SER B 75 10.69 -4.52 -12.26
N CYS B 76 11.95 -4.49 -11.82
CA CYS B 76 13.10 -4.36 -12.75
C CYS B 76 13.83 -5.69 -12.96
N CYS B 77 13.35 -6.76 -12.33
CA CYS B 77 14.02 -8.09 -12.46
C CYS B 77 13.40 -8.90 -13.60
N LEU B 78 14.20 -9.20 -14.61
CA LEU B 78 13.76 -9.98 -15.81
C LEU B 78 13.16 -11.32 -15.37
N TYR B 79 13.82 -12.00 -14.42
CA TYR B 79 13.38 -13.34 -13.94
C TYR B 79 12.01 -13.22 -13.23
N CYS B 80 11.86 -12.24 -12.35
CA CYS B 80 10.56 -12.04 -11.66
C CYS B 80 9.45 -11.72 -12.68
N ARG B 81 9.70 -10.72 -13.54
CA ARG B 81 8.73 -10.24 -14.57
C ARG B 81 8.34 -11.34 -15.54
N CYS B 82 9.27 -12.22 -15.93
CA CYS B 82 8.96 -13.31 -16.91
C CYS B 82 8.54 -14.61 -16.20
N HIS B 83 8.52 -14.62 -14.86
CA HIS B 83 8.13 -15.84 -14.11
C HIS B 83 8.98 -17.03 -14.56
N ILE B 84 10.30 -16.95 -14.29
CA ILE B 84 11.26 -18.04 -14.66
C ILE B 84 12.24 -18.19 -13.49
N ASP B 85 12.98 -19.30 -13.45
CA ASP B 85 13.94 -19.60 -12.36
C ASP B 85 15.03 -18.51 -12.34
N HIS B 86 15.57 -18.22 -11.15
CA HIS B 86 16.65 -17.21 -10.96
C HIS B 86 18.02 -17.89 -11.06
N PRO B 87 19.00 -17.28 -11.79
CA PRO B 87 20.34 -17.86 -11.91
C PRO B 87 21.01 -18.15 -10.55
N ASN B 88 21.03 -17.15 -9.66
CA ASN B 88 21.64 -17.28 -8.31
C ASN B 88 21.24 -18.62 -7.69
N PRO B 89 22.19 -19.38 -7.08
CA PRO B 89 21.86 -20.67 -6.48
C PRO B 89 20.86 -20.52 -5.32
N LYS B 90 19.84 -21.39 -5.30
CA LYS B 90 18.74 -21.40 -4.29
C LYS B 90 17.51 -20.64 -4.82
N GLY B 91 17.67 -19.92 -5.94
CA GLY B 91 16.57 -19.13 -6.54
C GLY B 91 16.40 -17.78 -5.85
N PHE B 92 17.46 -17.31 -5.16
CA PHE B 92 17.48 -16.02 -4.44
C PHE B 92 17.55 -14.87 -5.45
N CYS B 93 16.69 -13.86 -5.30
CA CYS B 93 16.63 -12.67 -6.20
C CYS B 93 17.37 -11.49 -5.56
N ASP B 94 18.23 -10.80 -6.33
CA ASP B 94 19.02 -9.65 -5.83
C ASP B 94 18.22 -8.33 -5.93
N LEU B 95 17.04 -8.34 -6.56
CA LEU B 95 16.27 -7.06 -6.70
C LEU B 95 14.98 -7.07 -5.85
N LYS B 96 14.21 -8.17 -5.85
CA LYS B 96 12.97 -8.24 -5.03
C LYS B 96 13.24 -7.68 -3.62
N GLY B 97 12.42 -6.74 -3.15
CA GLY B 97 12.56 -6.17 -1.80
C GLY B 97 13.56 -5.03 -1.72
N LYS B 98 14.28 -4.74 -2.81
CA LYS B 98 15.27 -3.64 -2.80
C LYS B 98 14.80 -2.56 -3.78
N TYR B 99 15.67 -1.55 -3.99
CA TYR B 99 15.41 -0.45 -4.94
C TYR B 99 16.66 -0.30 -5.80
N VAL B 100 16.48 -0.27 -7.12
CA VAL B 100 17.63 -0.15 -8.06
C VAL B 100 17.67 1.28 -8.60
N GLN B 101 18.83 1.94 -8.47
CA GLN B 101 19.04 3.31 -8.99
C GLN B 101 19.49 3.21 -10.46
N ILE B 102 18.86 3.97 -11.35
CA ILE B 102 19.17 3.93 -12.82
C ILE B 102 19.48 5.34 -13.31
N PRO B 103 20.57 5.55 -14.08
CA PRO B 103 20.86 6.87 -14.64
C PRO B 103 19.65 7.37 -15.41
N THR B 104 19.31 8.65 -15.27
CA THR B 104 18.11 9.23 -15.94
C THR B 104 18.15 8.98 -17.45
N THR B 105 19.34 9.06 -18.07
CA THR B 105 19.48 8.86 -19.55
C THR B 105 19.22 7.40 -19.96
N CYS B 106 19.12 6.48 -19.01
CA CYS B 106 18.87 5.05 -19.32
C CYS B 106 17.59 4.55 -18.61
N ALA B 107 16.80 5.47 -18.03
CA ALA B 107 15.58 5.10 -17.27
C ALA B 107 14.45 4.60 -18.18
N ASN B 108 14.63 4.65 -19.51
CA ASN B 108 13.57 4.19 -20.45
C ASN B 108 13.57 2.66 -20.52
N ASP B 109 14.61 2.00 -19.99
CA ASP B 109 14.71 0.51 -20.01
C ASP B 109 15.51 0.06 -18.79
N PRO B 110 14.92 0.11 -17.58
CA PRO B 110 15.63 -0.31 -16.37
C PRO B 110 16.07 -1.78 -16.39
N VAL B 111 15.21 -2.67 -16.92
CA VAL B 111 15.52 -4.13 -16.98
C VAL B 111 16.79 -4.35 -17.81
N GLY B 112 16.82 -3.79 -19.03
CA GLY B 112 17.99 -3.93 -19.92
C GLY B 112 19.26 -3.39 -19.29
N PHE B 113 19.14 -2.35 -18.48
CA PHE B 113 20.30 -1.72 -17.81
C PHE B 113 20.91 -2.66 -16.77
N THR B 114 20.07 -3.23 -15.89
CA THR B 114 20.55 -4.14 -14.80
C THR B 114 21.29 -5.35 -15.37
N LEU B 115 20.84 -5.89 -16.49
CA LEU B 115 21.50 -7.07 -17.12
C LEU B 115 22.90 -6.69 -17.63
N LYS B 116 22.96 -5.76 -18.59
CA LYS B 116 24.20 -5.31 -19.27
C LYS B 116 25.27 -4.81 -18.28
N ASN B 117 24.92 -3.89 -17.38
CA ASN B 117 25.88 -3.30 -16.41
C ASN B 117 26.08 -4.21 -15.19
N THR B 118 27.17 -3.98 -14.44
CA THR B 118 27.53 -4.76 -13.22
C THR B 118 27.81 -3.79 -12.06
N VAL B 119 27.67 -4.26 -10.81
CA VAL B 119 27.87 -3.42 -9.58
C VAL B 119 29.27 -3.65 -9.02
N CYS B 120 29.92 -2.56 -8.58
CA CYS B 120 31.27 -2.59 -7.96
C CYS B 120 31.16 -3.13 -6.53
N THR B 121 32.00 -4.11 -6.17
CA THR B 121 31.98 -4.76 -4.83
C THR B 121 32.57 -3.82 -3.76
N VAL B 122 33.36 -2.83 -4.15
CA VAL B 122 34.02 -1.91 -3.17
C VAL B 122 33.06 -0.81 -2.74
N CYS B 123 32.75 0.13 -3.63
CA CYS B 123 31.87 1.30 -3.31
C CYS B 123 30.36 0.97 -3.41
N GLY B 124 29.98 -0.04 -4.21
CA GLY B 124 28.55 -0.40 -4.36
C GLY B 124 27.83 0.47 -5.37
N MET B 125 28.57 1.09 -6.30
CA MET B 125 28.02 1.97 -7.37
C MET B 125 28.02 1.18 -8.68
N TRP B 126 27.40 1.71 -9.73
CA TRP B 126 27.43 1.01 -11.05
C TRP B 126 28.78 1.26 -11.70
N LYS B 127 29.41 0.23 -12.30
CA LYS B 127 30.71 0.44 -12.98
C LYS B 127 30.46 1.13 -14.32
N GLY B 128 31.05 2.32 -14.48
CA GLY B 128 30.90 3.13 -15.70
C GLY B 128 29.83 4.20 -15.52
N TYR B 129 29.26 4.29 -14.32
CA TYR B 129 28.19 5.29 -14.04
C TYR B 129 28.22 5.72 -12.57
N GLY B 130 29.41 5.85 -11.98
CA GLY B 130 29.50 6.28 -10.56
C GLY B 130 30.70 5.68 -9.85
N CYS B 131 31.11 4.46 -10.22
CA CYS B 131 32.26 3.78 -9.58
C CYS B 131 33.57 4.43 -10.04
N SER B 132 34.25 5.13 -9.13
CA SER B 132 35.55 5.79 -9.43
C SER B 132 36.61 5.27 -8.46
N CYS B 133 36.83 3.94 -8.49
CA CYS B 133 37.84 3.27 -7.61
C CYS B 133 39.10 2.97 -8.45
N ASP B 134 39.33 3.77 -9.50
CA ASP B 134 40.51 3.59 -10.39
C ASP B 134 40.65 4.83 -11.30
#